data_7N53
#
_entry.id   7N53
#
_cell.length_a   106.755
_cell.length_b   68.568
_cell.length_c   69.569
_cell.angle_alpha   90.000
_cell.angle_beta   127.530
_cell.angle_gamma   90.000
#
_symmetry.space_group_name_H-M   'C 1 2 1'
#
loop_
_entity.id
_entity.type
_entity.pdbx_description
1 polymer PAP4
2 non-polymer 'SULFATE ION'
3 non-polymer 1-(3,4-DIMETHOXYBENZYL)-6,7-DIMETHOXYISOQUINOLINE
4 non-polymer GLYCEROL
5 water water
#
_entity_poly.entity_id   1
_entity_poly.type   'polypeptide(L)'
_entity_poly.pdbx_seq_one_letter_code
;MARPKSEDKKQALLEAATQAIAQSGIAASTAVIARNAGVAEGTLFRYFATKDELINTLYLHLRQDLCQSLIMELDRSITD
AKMMMRFIWNSGISWGLNHPARHRAIRQLAVSEKLTKETHQRDLDMFPELRDILHRRVLMVFMSDEYRAFGDGLFLALAE
TTMDFAARDPARAGEYIALGFEAMWRALTREEQ
;
_entity_poly.pdbx_strand_id   A,B
#
loop_
_chem_comp.id
_chem_comp.type
_chem_comp.name
_chem_comp.formula
EV1 non-polymer 1-(3,4-DIMETHOXYBENZYL)-6,7-DIMETHOXYISOQUINOLINE 'C20 H21 N O4'
GOL non-polymer GLYCEROL 'C3 H8 O3'
SO4 non-polymer 'SULFATE ION' 'O4 S -2'
#
# COMPACT_ATOMS: atom_id res chain seq x y z
N ASP A 8 6.92 1.77 -34.30
CA ASP A 8 8.15 1.53 -33.55
C ASP A 8 7.94 0.38 -32.58
N LYS A 9 8.51 -0.78 -32.89
CA LYS A 9 8.24 -1.97 -32.11
C LYS A 9 8.91 -1.90 -30.73
N LYS A 10 9.98 -1.14 -30.56
CA LYS A 10 10.54 -1.00 -29.22
C LYS A 10 9.57 -0.27 -28.31
N GLN A 11 8.97 0.82 -28.81
CA GLN A 11 7.95 1.51 -28.04
C GLN A 11 6.73 0.62 -27.82
N ALA A 12 6.32 -0.15 -28.82
CA ALA A 12 5.20 -1.05 -28.63
C ALA A 12 5.51 -2.09 -27.55
N LEU A 13 6.75 -2.59 -27.54
CA LEU A 13 7.13 -3.54 -26.51
C LEU A 13 7.13 -2.88 -25.13
N LEU A 14 7.63 -1.64 -25.04
CA LEU A 14 7.65 -0.99 -23.73
C LEU A 14 6.23 -0.75 -23.22
N GLU A 15 5.31 -0.39 -24.12
CA GLU A 15 3.93 -0.19 -23.71
C GLU A 15 3.27 -1.52 -23.33
N ALA A 16 3.46 -2.58 -24.13
CA ALA A 16 2.90 -3.87 -23.75
C ALA A 16 3.49 -4.35 -22.41
N ALA A 17 4.78 -4.10 -22.19
CA ALA A 17 5.41 -4.51 -20.94
C ALA A 17 4.85 -3.71 -19.76
N THR A 18 4.58 -2.42 -19.99
CA THR A 18 3.98 -1.58 -18.95
C THR A 18 2.65 -2.18 -18.49
N GLN A 19 1.77 -2.47 -19.43
CA GLN A 19 0.45 -2.98 -19.05
C GLN A 19 0.53 -4.34 -18.41
N ALA A 20 1.40 -5.22 -18.95
CA ALA A 20 1.49 -6.58 -18.41
C ALA A 20 2.10 -6.58 -17.02
N ILE A 21 3.15 -5.79 -16.82
CA ILE A 21 3.80 -5.79 -15.52
C ILE A 21 2.95 -5.03 -14.49
N ALA A 22 2.21 -4.01 -14.92
CA ALA A 22 1.27 -3.38 -14.01
C ALA A 22 0.27 -4.39 -13.47
N GLN A 23 -0.19 -5.31 -14.33
CA GLN A 23 -1.20 -6.28 -13.92
C GLN A 23 -0.60 -7.46 -13.18
N SER A 24 0.53 -7.99 -13.64
CA SER A 24 1.00 -9.27 -13.14
C SER A 24 2.32 -9.18 -12.40
N GLY A 25 2.90 -7.99 -12.27
CA GLY A 25 4.22 -7.89 -11.71
C GLY A 25 5.27 -8.42 -12.69
N ILE A 26 6.47 -8.60 -12.15
CA ILE A 26 7.56 -9.05 -13.00
C ILE A 26 7.40 -10.50 -13.41
N ALA A 27 6.40 -11.19 -12.87
CA ALA A 27 6.04 -12.51 -13.38
C ALA A 27 5.40 -12.46 -14.76
N ALA A 28 5.00 -11.27 -15.25
CA ALA A 28 4.48 -11.14 -16.60
C ALA A 28 5.35 -11.87 -17.60
N SER A 29 4.72 -12.62 -18.50
CA SER A 29 5.46 -13.48 -19.42
C SER A 29 5.94 -12.70 -20.63
N THR A 30 7.21 -12.92 -21.01
CA THR A 30 7.74 -12.25 -22.20
C THR A 30 7.04 -12.72 -23.47
N ALA A 31 6.54 -13.95 -23.49
CA ALA A 31 5.75 -14.40 -24.63
C ALA A 31 4.48 -13.57 -24.76
N VAL A 32 3.83 -13.27 -23.62
CA VAL A 32 2.62 -12.46 -23.65
C VAL A 32 2.93 -11.02 -24.04
N ILE A 33 3.98 -10.44 -23.46
CA ILE A 33 4.34 -9.06 -23.80
C ILE A 33 4.63 -8.94 -25.29
N ALA A 34 5.41 -9.89 -25.82
CA ALA A 34 5.72 -9.87 -27.25
C ALA A 34 4.46 -10.01 -28.09
N ARG A 35 3.62 -11.00 -27.78
CA ARG A 35 2.37 -11.15 -28.54
C ARG A 35 1.55 -9.87 -28.49
N ASN A 36 1.46 -9.23 -27.31
CA ASN A 36 0.63 -8.03 -27.21
C ASN A 36 1.24 -6.84 -27.95
N ALA A 37 2.55 -6.86 -28.20
CA ALA A 37 3.17 -5.84 -29.02
C ALA A 37 3.17 -6.22 -30.49
N GLY A 38 2.60 -7.36 -30.84
CA GLY A 38 2.51 -7.77 -32.23
C GLY A 38 3.80 -8.29 -32.81
N VAL A 39 4.68 -8.87 -31.99
CA VAL A 39 5.94 -9.43 -32.49
C VAL A 39 6.16 -10.81 -31.90
N ALA A 40 7.01 -11.58 -32.58
CA ALA A 40 7.47 -12.86 -32.05
C ALA A 40 8.24 -12.64 -30.75
N GLU A 41 8.27 -13.66 -29.90
CA GLU A 41 8.99 -13.53 -28.64
C GLU A 41 10.48 -13.31 -28.87
N GLY A 42 11.06 -13.95 -29.90
CA GLY A 42 12.47 -13.71 -30.19
C GLY A 42 12.76 -12.27 -30.57
N THR A 43 11.76 -11.57 -31.12
CA THR A 43 11.92 -10.16 -31.45
C THR A 43 12.03 -9.31 -30.18
N LEU A 44 11.27 -9.67 -29.14
CA LEU A 44 11.46 -8.98 -27.86
C LEU A 44 12.93 -9.03 -27.43
N PHE A 45 13.58 -10.17 -27.59
CA PHE A 45 14.93 -10.31 -27.10
C PHE A 45 15.97 -9.72 -28.03
N ARG A 46 15.56 -9.34 -29.24
CA ARG A 46 16.42 -8.48 -30.06
C ARG A 46 16.48 -7.05 -29.52
N TYR A 47 15.42 -6.58 -28.87
CA TYR A 47 15.44 -5.24 -28.32
C TYR A 47 15.96 -5.18 -26.90
N PHE A 48 15.74 -6.25 -26.12
CA PHE A 48 16.18 -6.35 -24.74
C PHE A 48 16.92 -7.67 -24.61
N ALA A 49 18.17 -7.62 -24.14
CA ALA A 49 18.96 -8.84 -24.13
C ALA A 49 18.35 -9.92 -23.26
N THR A 50 17.73 -9.52 -22.15
CA THR A 50 17.25 -10.46 -21.13
C THR A 50 15.99 -9.87 -20.52
N LYS A 51 15.24 -10.71 -19.81
CA LYS A 51 14.08 -10.19 -19.09
C LYS A 51 14.49 -9.19 -18.02
N ASP A 52 15.62 -9.45 -17.34
CA ASP A 52 16.08 -8.48 -16.34
C ASP A 52 16.43 -7.15 -16.99
N GLU A 53 17.00 -7.18 -18.20
CA GLU A 53 17.29 -5.92 -18.88
C GLU A 53 15.99 -5.22 -19.28
N LEU A 54 14.98 -5.98 -19.70
CA LEU A 54 13.68 -5.36 -19.99
C LEU A 54 13.14 -4.67 -18.75
N ILE A 55 13.21 -5.36 -17.61
CA ILE A 55 12.73 -4.79 -16.34
C ILE A 55 13.44 -3.48 -16.02
N ASN A 56 14.76 -3.47 -16.16
CA ASN A 56 15.52 -2.27 -15.81
C ASN A 56 15.31 -1.15 -16.82
N THR A 57 15.29 -1.49 -18.11
CA THR A 57 15.07 -0.46 -19.13
C THR A 57 13.68 0.14 -19.01
N LEU A 58 12.66 -0.72 -18.81
CA LEU A 58 11.30 -0.23 -18.67
C LEU A 58 11.19 0.70 -17.47
N TYR A 59 11.81 0.31 -16.36
CA TYR A 59 11.79 1.17 -15.18
C TYR A 59 12.34 2.55 -15.51
N LEU A 60 13.49 2.61 -16.17
CA LEU A 60 14.05 3.92 -16.51
C LEU A 60 13.15 4.65 -17.50
N HIS A 61 12.56 3.92 -18.45
CA HIS A 61 11.65 4.54 -19.41
C HIS A 61 10.48 5.21 -18.70
N LEU A 62 9.87 4.51 -17.73
CA LEU A 62 8.71 5.06 -17.05
C LEU A 62 9.10 6.17 -16.10
N ARG A 63 10.24 6.01 -15.41
CA ARG A 63 10.75 7.09 -14.56
C ARG A 63 11.08 8.33 -15.37
N GLN A 64 11.61 8.15 -16.59
CA GLN A 64 11.88 9.32 -17.44
C GLN A 64 10.60 10.07 -17.77
N ASP A 65 9.53 9.33 -18.08
CA ASP A 65 8.25 9.94 -18.38
C ASP A 65 7.72 10.71 -17.19
N LEU A 66 7.71 10.07 -16.02
CA LEU A 66 7.32 10.75 -14.80
C LEU A 66 8.16 11.99 -14.57
N CYS A 67 9.49 11.86 -14.67
CA CYS A 67 10.36 13.00 -14.39
C CYS A 67 10.14 14.15 -15.36
N GLN A 68 9.76 13.88 -16.61
CA GLN A 68 9.44 14.98 -17.52
C GLN A 68 8.36 15.88 -16.92
N SER A 69 7.29 15.27 -16.38
CA SER A 69 6.26 16.07 -15.73
C SER A 69 6.79 16.74 -14.47
N LEU A 70 7.50 15.98 -13.60
CA LEU A 70 8.03 16.56 -12.37
C LEU A 70 8.89 17.79 -12.66
N ILE A 71 9.81 17.67 -13.62
CA ILE A 71 10.73 18.75 -13.93
C ILE A 71 10.00 19.92 -14.58
N MET A 72 9.11 19.64 -15.53
CA MET A 72 8.41 20.73 -16.22
C MET A 72 7.55 21.52 -15.26
N GLU A 73 6.98 20.87 -14.26
CA GLU A 73 6.04 21.53 -13.38
C GLU A 73 6.72 22.24 -12.22
N LEU A 74 7.94 21.84 -11.85
CA LEU A 74 8.55 22.35 -10.62
C LEU A 74 8.73 23.85 -10.67
N ASP A 75 8.25 24.54 -9.63
CA ASP A 75 8.45 25.98 -9.48
C ASP A 75 9.90 26.22 -9.06
N ARG A 76 10.68 26.82 -9.95
CA ARG A 76 12.12 27.01 -9.75
C ARG A 76 12.44 28.12 -8.75
N SER A 77 11.46 28.91 -8.32
CA SER A 77 11.71 29.91 -7.29
C SER A 77 11.71 29.31 -5.89
N ILE A 78 11.29 28.04 -5.74
CA ILE A 78 11.31 27.37 -4.45
C ILE A 78 12.71 26.85 -4.18
N THR A 79 13.30 27.23 -3.04
CA THR A 79 14.60 26.70 -2.65
C THR A 79 14.56 25.79 -1.44
N ASP A 80 13.51 25.85 -0.62
CA ASP A 80 13.42 24.98 0.54
C ASP A 80 13.21 23.54 0.10
N ALA A 81 14.01 22.62 0.66
CA ALA A 81 13.97 21.23 0.20
C ALA A 81 12.61 20.61 0.44
N LYS A 82 12.06 20.76 1.65
CA LYS A 82 10.78 20.13 1.94
C LYS A 82 9.67 20.69 1.06
N MET A 83 9.65 22.02 0.85
CA MET A 83 8.64 22.61 -0.02
C MET A 83 8.80 22.14 -1.45
N MET A 84 10.05 22.03 -1.93
CA MET A 84 10.30 21.46 -3.26
C MET A 84 9.72 20.06 -3.33
N MET A 85 9.93 19.27 -2.27
CA MET A 85 9.46 17.88 -2.30
C MET A 85 7.94 17.82 -2.23
N ARG A 86 7.31 18.74 -1.48
CA ARG A 86 5.85 18.81 -1.52
C ARG A 86 5.33 19.08 -2.94
N PHE A 87 5.99 19.99 -3.67
CA PHE A 87 5.61 20.26 -5.05
C PHE A 87 5.80 19.02 -5.92
N ILE A 88 6.95 18.35 -5.77
CA ILE A 88 7.26 17.16 -6.55
C ILE A 88 6.26 16.05 -6.26
N TRP A 89 5.94 15.84 -4.98
CA TRP A 89 4.92 14.86 -4.61
C TRP A 89 3.61 15.14 -5.31
N ASN A 90 3.13 16.39 -5.24
CA ASN A 90 1.86 16.71 -5.88
C ASN A 90 1.91 16.46 -7.38
N SER A 91 3.00 16.86 -8.03
CA SER A 91 3.14 16.60 -9.47
C SER A 91 3.13 15.12 -9.76
N GLY A 92 3.75 14.32 -8.88
CA GLY A 92 3.77 12.89 -9.08
C GLY A 92 2.41 12.24 -8.86
N ILE A 93 1.64 12.74 -7.90
CA ILE A 93 0.27 12.26 -7.70
C ILE A 93 -0.55 12.52 -8.95
N SER A 94 -0.42 13.73 -9.51
CA SER A 94 -1.14 14.07 -10.72
C SER A 94 -0.77 13.14 -11.86
N TRP A 95 0.53 12.93 -12.06
CA TRP A 95 0.98 12.04 -13.12
C TRP A 95 0.46 10.63 -12.90
N GLY A 96 0.53 10.13 -11.67
CA GLY A 96 0.08 8.76 -11.45
C GLY A 96 -1.43 8.60 -11.63
N LEU A 97 -2.20 9.63 -11.28
CA LEU A 97 -3.64 9.56 -11.50
C LEU A 97 -3.97 9.60 -12.97
N ASN A 98 -3.16 10.33 -13.75
CA ASN A 98 -3.32 10.36 -15.20
C ASN A 98 -2.79 9.13 -15.89
N HIS A 99 -1.86 8.41 -15.27
CA HIS A 99 -1.23 7.24 -15.88
C HIS A 99 -1.15 6.14 -14.84
N PRO A 100 -2.30 5.56 -14.47
CA PRO A 100 -2.30 4.59 -13.38
C PRO A 100 -1.53 3.34 -13.68
N ALA A 101 -1.54 2.88 -14.95
CA ALA A 101 -0.77 1.69 -15.30
C ALA A 101 0.72 1.96 -15.25
N ARG A 102 1.14 3.13 -15.75
CA ARG A 102 2.56 3.46 -15.67
C ARG A 102 3.02 3.52 -14.22
N HIS A 103 2.22 4.13 -13.35
CA HIS A 103 2.63 4.22 -11.96
C HIS A 103 2.64 2.84 -11.31
N ARG A 104 1.61 2.03 -11.59
CA ARG A 104 1.58 0.70 -11.03
C ARG A 104 2.74 -0.14 -11.53
N ALA A 105 3.11 0.02 -12.81
CA ALA A 105 4.29 -0.70 -13.27
C ALA A 105 5.55 -0.25 -12.53
N ILE A 106 5.73 1.06 -12.32
CA ILE A 106 6.87 1.53 -11.55
C ILE A 106 6.89 0.86 -10.18
N ARG A 107 5.72 0.80 -9.51
CA ARG A 107 5.68 0.18 -8.20
C ARG A 107 6.08 -1.29 -8.24
N GLN A 108 5.56 -2.04 -9.21
CA GLN A 108 5.88 -3.45 -9.33
C GLN A 108 7.38 -3.65 -9.58
N LEU A 109 7.97 -2.78 -10.41
CA LEU A 109 9.40 -2.91 -10.73
C LEU A 109 10.25 -2.48 -9.55
N ALA A 110 9.84 -1.44 -8.82
CA ALA A 110 10.65 -0.93 -7.73
C ALA A 110 10.81 -1.96 -6.61
N VAL A 111 9.74 -2.69 -6.27
CA VAL A 111 9.79 -3.61 -5.15
C VAL A 111 10.29 -4.99 -5.56
N SER A 112 10.62 -5.17 -6.84
CA SER A 112 10.99 -6.50 -7.34
C SER A 112 12.36 -6.96 -6.93
N GLU A 113 13.24 -6.03 -6.52
CA GLU A 113 14.65 -6.28 -6.24
C GLU A 113 15.44 -6.68 -7.48
N LYS A 114 14.88 -6.47 -8.68
CA LYS A 114 15.59 -6.75 -9.92
C LYS A 114 16.29 -5.53 -10.49
N LEU A 115 16.00 -4.34 -9.95
CA LEU A 115 16.67 -3.13 -10.39
C LEU A 115 18.09 -3.09 -9.82
N THR A 116 19.05 -2.79 -10.69
CA THR A 116 20.44 -2.79 -10.29
C THR A 116 20.81 -1.46 -9.64
N LYS A 117 21.96 -1.46 -8.97
CA LYS A 117 22.49 -0.21 -8.39
C LYS A 117 22.72 0.83 -9.49
N GLU A 118 23.25 0.38 -10.64
CA GLU A 118 23.44 1.31 -11.75
C GLU A 118 22.12 1.90 -12.20
N THR A 119 21.08 1.09 -12.30
CA THR A 119 19.79 1.63 -12.70
C THR A 119 19.29 2.67 -11.72
N HIS A 120 19.41 2.39 -10.42
CA HIS A 120 19.04 3.40 -9.43
C HIS A 120 19.86 4.68 -9.59
N GLN A 121 21.17 4.55 -9.85
CA GLN A 121 21.98 5.74 -10.05
C GLN A 121 21.51 6.54 -11.27
N ARG A 122 21.31 5.86 -12.42
CA ARG A 122 20.85 6.53 -13.63
C ARG A 122 19.49 7.17 -13.42
N ASP A 123 18.63 6.48 -12.68
CA ASP A 123 17.30 7.00 -12.37
C ASP A 123 17.38 8.36 -11.71
N LEU A 124 18.04 8.42 -10.55
CA LEU A 124 18.08 9.68 -9.83
C LEU A 124 18.86 10.75 -10.58
N ASP A 125 19.84 10.35 -11.40
CA ASP A 125 20.56 11.36 -12.17
C ASP A 125 19.67 12.08 -13.20
N MET A 126 18.50 11.53 -13.54
CA MET A 126 17.59 12.23 -14.44
C MET A 126 16.97 13.46 -13.80
N PHE A 127 16.98 13.53 -12.47
CA PHE A 127 16.34 14.64 -11.75
C PHE A 127 17.28 15.02 -10.61
N PRO A 128 18.33 15.79 -10.90
CA PRO A 128 19.37 16.00 -9.89
C PRO A 128 18.88 16.68 -8.61
N GLU A 129 17.90 17.58 -8.71
CA GLU A 129 17.37 18.23 -7.53
C GLU A 129 16.75 17.22 -6.58
N LEU A 130 15.97 16.30 -7.13
CA LEU A 130 15.41 15.22 -6.32
C LEU A 130 16.52 14.34 -5.75
N ARG A 131 17.45 13.92 -6.61
CA ARG A 131 18.57 13.09 -6.16
C ARG A 131 19.27 13.71 -4.97
N ASP A 132 19.61 14.99 -5.07
CA ASP A 132 20.39 15.64 -4.03
C ASP A 132 19.61 15.71 -2.73
N ILE A 133 18.31 15.99 -2.83
CA ILE A 133 17.49 16.05 -1.61
C ILE A 133 17.37 14.68 -0.97
N LEU A 134 17.15 13.62 -1.78
CA LEU A 134 17.06 12.29 -1.21
C LEU A 134 18.34 11.92 -0.47
N HIS A 135 19.51 12.18 -1.07
CA HIS A 135 20.74 11.81 -0.40
C HIS A 135 20.97 12.63 0.86
N ARG A 136 20.42 13.83 0.94
CA ARG A 136 20.62 14.65 2.13
C ARG A 136 19.61 14.35 3.22
N ARG A 137 18.42 13.90 2.87
CA ARG A 137 17.33 13.88 3.85
C ARG A 137 16.75 12.49 4.12
N VAL A 138 16.82 11.56 3.19
CA VAL A 138 16.25 10.24 3.45
C VAL A 138 17.08 9.52 4.53
N LEU A 139 16.39 8.79 5.40
CA LEU A 139 17.11 7.98 6.39
C LEU A 139 18.12 7.07 5.69
N MET A 140 19.33 6.96 6.25
CA MET A 140 20.40 6.28 5.53
C MET A 140 20.02 4.85 5.18
N VAL A 141 19.28 4.16 6.05
CA VAL A 141 18.92 2.78 5.79
C VAL A 141 18.13 2.66 4.49
N PHE A 142 17.28 3.64 4.20
CA PHE A 142 16.46 3.54 2.99
C PHE A 142 17.17 3.98 1.73
N MET A 143 18.36 4.55 1.85
CA MET A 143 19.21 4.77 0.68
C MET A 143 20.23 3.66 0.48
N SER A 144 20.36 2.74 1.42
CA SER A 144 21.32 1.65 1.34
C SER A 144 20.92 0.66 0.26
N ASP A 145 21.92 -0.05 -0.28
CA ASP A 145 21.63 -1.08 -1.27
C ASP A 145 20.71 -2.16 -0.70
N GLU A 146 20.87 -2.49 0.57
CA GLU A 146 20.13 -3.63 1.09
C GLU A 146 18.66 -3.31 1.31
N TYR A 147 18.33 -2.07 1.69
CA TYR A 147 16.96 -1.74 2.08
C TYR A 147 16.31 -0.70 1.19
N ARG A 148 16.94 -0.32 0.06
CA ARG A 148 16.36 0.69 -0.82
C ARG A 148 15.02 0.21 -1.38
N ALA A 149 14.94 -1.06 -1.75
CA ALA A 149 13.69 -1.56 -2.35
C ALA A 149 12.55 -1.48 -1.35
N PHE A 150 12.85 -1.74 -0.08
CA PHE A 150 11.85 -1.61 0.97
C PHE A 150 11.45 -0.15 1.19
N GLY A 151 12.45 0.75 1.23
CA GLY A 151 12.15 2.17 1.28
C GLY A 151 11.24 2.60 0.14
N ASP A 152 11.55 2.16 -1.08
CA ASP A 152 10.68 2.49 -2.21
C ASP A 152 9.30 1.88 -2.01
N GLY A 153 9.24 0.65 -1.49
CA GLY A 153 7.95 0.02 -1.27
C GLY A 153 7.08 0.81 -0.31
N LEU A 154 7.68 1.26 0.80
CA LEU A 154 6.92 2.08 1.75
C LEU A 154 6.46 3.39 1.10
N PHE A 155 7.38 4.09 0.43
CA PHE A 155 7.03 5.31 -0.28
C PHE A 155 5.88 5.07 -1.24
N LEU A 156 6.00 4.03 -2.08
CA LEU A 156 4.99 3.83 -3.13
C LEU A 156 3.66 3.34 -2.55
N ALA A 157 3.70 2.64 -1.40
CA ALA A 157 2.46 2.27 -0.72
C ALA A 157 1.72 3.50 -0.25
N LEU A 158 2.44 4.46 0.32
CA LEU A 158 1.78 5.69 0.75
C LEU A 158 1.33 6.51 -0.46
N ALA A 159 2.12 6.51 -1.53
CA ALA A 159 1.73 7.22 -2.74
C ALA A 159 0.45 6.64 -3.32
N GLU A 160 0.38 5.31 -3.44
CA GLU A 160 -0.80 4.70 -4.06
C GLU A 160 -2.02 4.87 -3.17
N THR A 161 -1.86 4.84 -1.85
CA THR A 161 -2.99 5.08 -0.97
C THR A 161 -3.50 6.50 -1.11
N THR A 162 -2.58 7.45 -1.21
CA THR A 162 -2.97 8.84 -1.43
C THR A 162 -3.72 9.00 -2.76
N MET A 163 -3.21 8.36 -3.82
CA MET A 163 -3.88 8.43 -5.12
C MET A 163 -5.26 7.81 -5.05
N ASP A 164 -5.39 6.67 -4.37
N ASP A 164 -5.37 6.67 -4.37
CA ASP A 164 -6.67 5.99 -4.30
CA ASP A 164 -6.64 5.96 -4.24
C ASP A 164 -7.71 6.85 -3.60
C ASP A 164 -7.69 6.85 -3.59
N PHE A 165 -7.34 7.49 -2.50
CA PHE A 165 -8.32 8.32 -1.79
C PHE A 165 -8.64 9.57 -2.59
N ALA A 166 -7.62 10.20 -3.18
CA ALA A 166 -7.92 11.40 -3.98
C ALA A 166 -8.80 11.06 -5.17
N ALA A 167 -8.65 9.86 -5.75
CA ALA A 167 -9.47 9.50 -6.89
C ALA A 167 -10.89 9.14 -6.47
N ARG A 168 -11.05 8.47 -5.32
CA ARG A 168 -12.38 8.02 -4.92
C ARG A 168 -13.17 9.14 -4.26
N ASP A 169 -12.49 10.11 -3.67
CA ASP A 169 -13.11 11.22 -2.96
C ASP A 169 -12.44 12.52 -3.38
N PRO A 170 -12.62 12.93 -4.64
CA PRO A 170 -11.90 14.11 -5.14
C PRO A 170 -12.21 15.40 -4.40
N ALA A 171 -13.34 15.47 -3.68
CA ALA A 171 -13.66 16.69 -2.92
C ALA A 171 -12.64 16.99 -1.83
N ARG A 172 -11.86 15.99 -1.41
CA ARG A 172 -10.84 16.18 -0.39
C ARG A 172 -9.44 15.87 -0.91
N ALA A 173 -9.24 15.89 -2.23
CA ALA A 173 -7.96 15.50 -2.82
C ALA A 173 -6.79 16.29 -2.23
N GLY A 174 -6.93 17.61 -2.10
CA GLY A 174 -5.80 18.39 -1.60
C GLY A 174 -5.40 17.99 -0.19
N GLU A 175 -6.38 17.69 0.66
CA GLU A 175 -6.11 17.25 2.02
C GLU A 175 -5.47 15.86 2.05
N TYR A 176 -5.97 14.93 1.23
CA TYR A 176 -5.31 13.62 1.17
C TYR A 176 -3.87 13.78 0.70
N ILE A 177 -3.66 14.63 -0.31
CA ILE A 177 -2.31 14.78 -0.84
C ILE A 177 -1.39 15.39 0.20
N ALA A 178 -1.87 16.39 0.94
CA ALA A 178 -1.03 17.02 1.96
C ALA A 178 -0.77 16.08 3.13
N LEU A 179 -1.82 15.38 3.61
CA LEU A 179 -1.64 14.46 4.72
C LEU A 179 -0.73 13.31 4.34
N GLY A 180 -0.91 12.78 3.12
CA GLY A 180 -0.07 11.68 2.68
C GLY A 180 1.38 12.10 2.52
N PHE A 181 1.62 13.30 1.99
CA PHE A 181 3.00 13.79 1.91
C PHE A 181 3.67 13.82 3.29
N GLU A 182 2.99 14.42 4.28
CA GLU A 182 3.60 14.59 5.59
C GLU A 182 3.85 13.25 6.25
N ALA A 183 2.94 12.28 6.05
CA ALA A 183 3.15 10.94 6.60
C ALA A 183 4.34 10.27 5.95
N MET A 184 4.42 10.37 4.62
CA MET A 184 5.56 9.83 3.89
C MET A 184 6.84 10.51 4.34
N TRP A 185 6.81 11.84 4.47
CA TRP A 185 8.02 12.56 4.83
C TRP A 185 8.54 12.13 6.19
N ARG A 186 7.63 12.00 7.14
CA ARG A 186 8.04 11.54 8.48
C ARG A 186 8.49 10.09 8.46
N ALA A 187 7.86 9.24 7.63
CA ALA A 187 8.25 7.84 7.54
C ALA A 187 9.67 7.68 7.04
N LEU A 188 10.08 8.51 6.07
CA LEU A 188 11.28 8.18 5.32
C LEU A 188 12.45 9.12 5.53
N THR A 189 12.26 10.28 6.19
CA THR A 189 13.35 11.25 6.29
C THR A 189 13.71 11.58 7.72
N ARG A 190 14.87 12.24 7.83
CA ARG A 190 15.42 12.73 9.10
C ARG A 190 15.68 14.21 8.97
N ASP B 8 -23.32 -24.10 10.13
CA ASP B 8 -23.73 -22.72 10.39
C ASP B 8 -23.71 -21.91 9.11
N LYS B 9 -24.89 -21.55 8.61
CA LYS B 9 -24.98 -20.77 7.39
C LYS B 9 -24.33 -19.41 7.56
N LYS B 10 -24.45 -18.82 8.75
CA LYS B 10 -23.88 -17.50 8.97
C LYS B 10 -22.36 -17.54 8.96
N GLN B 11 -21.77 -18.58 9.54
CA GLN B 11 -20.32 -18.69 9.53
C GLN B 11 -19.81 -18.93 8.11
N ALA B 12 -20.51 -19.76 7.33
CA ALA B 12 -20.13 -19.95 5.94
C ALA B 12 -20.27 -18.66 5.14
N LEU B 13 -21.28 -17.85 5.48
CA LEU B 13 -21.45 -16.57 4.80
C LEU B 13 -20.29 -15.63 5.14
N LEU B 14 -19.93 -15.55 6.41
CA LEU B 14 -18.81 -14.70 6.80
C LEU B 14 -17.51 -15.14 6.13
N GLU B 15 -17.24 -16.45 6.09
CA GLU B 15 -16.03 -16.89 5.40
C GLU B 15 -16.11 -16.58 3.91
N ALA B 16 -17.30 -16.70 3.30
CA ALA B 16 -17.44 -16.43 1.87
C ALA B 16 -17.28 -14.94 1.59
N ALA B 17 -17.83 -14.10 2.46
CA ALA B 17 -17.67 -12.65 2.33
C ALA B 17 -16.21 -12.24 2.49
N THR B 18 -15.48 -12.90 3.40
CA THR B 18 -14.07 -12.60 3.61
C THR B 18 -13.28 -12.79 2.32
N GLN B 19 -13.41 -13.97 1.73
CA GLN B 19 -12.69 -14.29 0.50
C GLN B 19 -13.11 -13.37 -0.64
N ALA B 20 -14.41 -13.13 -0.81
CA ALA B 20 -14.85 -12.31 -1.93
C ALA B 20 -14.45 -10.85 -1.74
N ILE B 21 -14.53 -10.34 -0.51
CA ILE B 21 -14.20 -8.93 -0.30
C ILE B 21 -12.69 -8.72 -0.33
N ALA B 22 -11.92 -9.71 0.12
CA ALA B 22 -10.46 -9.65 -0.04
C ALA B 22 -10.12 -9.55 -1.52
N GLN B 23 -10.72 -10.41 -2.33
CA GLN B 23 -10.41 -10.41 -3.75
C GLN B 23 -10.93 -9.15 -4.45
N SER B 24 -12.20 -8.83 -4.25
CA SER B 24 -12.87 -7.84 -5.08
C SER B 24 -13.27 -6.56 -4.38
N GLY B 25 -12.94 -6.40 -3.10
CA GLY B 25 -13.36 -5.20 -2.40
C GLY B 25 -14.82 -5.25 -2.00
N ILE B 26 -15.32 -4.13 -1.48
CA ILE B 26 -16.72 -4.07 -1.08
C ILE B 26 -17.68 -4.10 -2.25
N ALA B 27 -17.17 -4.01 -3.47
CA ALA B 27 -18.05 -4.15 -4.62
C ALA B 27 -18.47 -5.60 -4.86
N ALA B 28 -17.97 -6.54 -4.07
CA ALA B 28 -18.41 -7.93 -4.17
C ALA B 28 -19.92 -8.01 -3.96
N SER B 29 -20.62 -8.66 -4.88
CA SER B 29 -22.07 -8.64 -4.82
C SER B 29 -22.59 -9.67 -3.83
N THR B 30 -23.65 -9.29 -3.11
CA THR B 30 -24.27 -10.22 -2.17
C THR B 30 -24.70 -11.52 -2.84
N ALA B 31 -24.94 -11.50 -4.15
CA ALA B 31 -25.33 -12.73 -4.84
C ALA B 31 -24.15 -13.69 -4.98
N VAL B 32 -22.94 -13.16 -5.24
CA VAL B 32 -21.77 -14.03 -5.36
C VAL B 32 -21.40 -14.60 -3.99
N ILE B 33 -21.43 -13.77 -2.96
CA ILE B 33 -21.11 -14.23 -1.60
C ILE B 33 -22.05 -15.38 -1.23
N ALA B 34 -23.36 -15.17 -1.43
CA ALA B 34 -24.33 -16.20 -1.11
C ALA B 34 -23.99 -17.51 -1.82
N ARG B 35 -23.71 -17.45 -3.13
CA ARG B 35 -23.43 -18.67 -3.89
C ARG B 35 -22.24 -19.43 -3.32
N ASN B 36 -21.12 -18.73 -3.08
CA ASN B 36 -19.95 -19.41 -2.57
C ASN B 36 -20.14 -19.94 -1.15
N ALA B 37 -21.07 -19.37 -0.39
CA ALA B 37 -21.47 -19.96 0.88
C ALA B 37 -22.44 -21.11 0.71
N GLY B 38 -22.99 -21.30 -0.49
CA GLY B 38 -23.92 -22.38 -0.74
C GLY B 38 -25.35 -22.10 -0.34
N VAL B 39 -25.79 -20.85 -0.40
CA VAL B 39 -27.13 -20.47 0.03
C VAL B 39 -27.71 -19.48 -0.97
N ALA B 40 -29.03 -19.32 -0.92
CA ALA B 40 -29.67 -18.32 -1.75
C ALA B 40 -29.37 -16.91 -1.22
N GLU B 41 -29.51 -15.92 -2.09
CA GLU B 41 -29.17 -14.56 -1.70
C GLU B 41 -30.13 -14.05 -0.63
N GLY B 42 -31.41 -14.46 -0.71
CA GLY B 42 -32.33 -14.11 0.35
C GLY B 42 -31.92 -14.68 1.69
N THR B 43 -31.18 -15.79 1.68
CA THR B 43 -30.66 -16.36 2.92
C THR B 43 -29.56 -15.46 3.49
N LEU B 44 -28.71 -14.90 2.63
CA LEU B 44 -27.75 -13.91 3.09
C LEU B 44 -28.45 -12.75 3.75
N PHE B 45 -29.48 -12.20 3.09
CA PHE B 45 -30.23 -11.11 3.71
C PHE B 45 -31.05 -11.60 4.90
N ARG B 46 -31.31 -12.90 4.99
CA ARG B 46 -31.93 -13.44 6.18
C ARG B 46 -31.06 -13.22 7.42
N TYR B 47 -29.73 -13.31 7.27
CA TYR B 47 -28.82 -13.13 8.40
C TYR B 47 -28.24 -11.73 8.51
N PHE B 48 -28.15 -11.00 7.41
CA PHE B 48 -27.65 -9.62 7.42
C PHE B 48 -28.68 -8.75 6.70
N ALA B 49 -29.31 -7.83 7.44
CA ALA B 49 -30.42 -7.05 6.90
C ALA B 49 -30.06 -6.36 5.58
N THR B 50 -28.88 -5.75 5.51
CA THR B 50 -28.39 -5.09 4.31
C THR B 50 -26.93 -5.47 4.06
N LYS B 51 -26.46 -5.20 2.85
CA LYS B 51 -25.04 -5.38 2.54
C LYS B 51 -24.17 -4.55 3.46
N ASP B 52 -24.62 -3.35 3.83
CA ASP B 52 -23.82 -2.53 4.73
C ASP B 52 -23.69 -3.17 6.11
N GLU B 53 -24.77 -3.81 6.57
CA GLU B 53 -24.68 -4.54 7.84
C GLU B 53 -23.72 -5.72 7.72
N LEU B 54 -23.73 -6.42 6.59
CA LEU B 54 -22.76 -7.50 6.41
C LEU B 54 -21.33 -6.97 6.45
N ILE B 55 -21.10 -5.83 5.81
CA ILE B 55 -19.78 -5.20 5.80
C ILE B 55 -19.35 -4.89 7.22
N ASN B 56 -20.25 -4.34 8.02
CA ASN B 56 -19.88 -3.94 9.38
C ASN B 56 -19.71 -5.15 10.29
N THR B 57 -20.63 -6.13 10.21
CA THR B 57 -20.50 -7.34 10.99
C THR B 57 -19.24 -8.11 10.65
N LEU B 58 -18.93 -8.23 9.35
CA LEU B 58 -17.73 -8.93 8.95
C LEU B 58 -16.50 -8.23 9.47
N TYR B 59 -16.46 -6.90 9.37
CA TYR B 59 -15.28 -6.18 9.85
C TYR B 59 -15.03 -6.49 11.33
N LEU B 60 -16.08 -6.42 12.15
CA LEU B 60 -15.89 -6.65 13.59
C LEU B 60 -15.52 -8.10 13.86
N HIS B 61 -16.08 -9.03 13.08
CA HIS B 61 -15.73 -10.44 13.21
C HIS B 61 -14.23 -10.66 12.94
N LEU B 62 -13.72 -10.02 11.88
CA LEU B 62 -12.31 -10.18 11.52
C LEU B 62 -11.41 -9.47 12.52
N ARG B 63 -11.82 -8.29 13.00
CA ARG B 63 -11.04 -7.60 14.01
C ARG B 63 -11.01 -8.40 15.31
N GLN B 64 -12.14 -9.03 15.67
CA GLN B 64 -12.13 -9.87 16.86
C GLN B 64 -11.16 -11.03 16.70
N ASP B 65 -11.10 -11.65 15.52
CA ASP B 65 -10.16 -12.75 15.28
C ASP B 65 -8.73 -12.27 15.43
N LEU B 66 -8.40 -11.15 14.79
CA LEU B 66 -7.08 -10.56 14.96
C LEU B 66 -6.79 -10.25 16.42
N CYS B 67 -7.75 -9.64 17.11
CA CYS B 67 -7.49 -9.22 18.49
C CYS B 67 -7.26 -10.40 19.41
N GLN B 68 -7.93 -11.52 19.14
CA GLN B 68 -7.66 -12.72 19.95
C GLN B 68 -6.18 -13.08 19.89
N SER B 69 -5.57 -12.96 18.72
CA SER B 69 -4.13 -13.22 18.62
C SER B 69 -3.32 -12.11 19.28
N LEU B 70 -3.66 -10.84 19.03
CA LEU B 70 -2.90 -9.75 19.62
C LEU B 70 -2.87 -9.85 21.14
N ILE B 71 -4.02 -10.17 21.74
CA ILE B 71 -4.16 -10.14 23.21
C ILE B 71 -3.57 -11.40 23.84
N MET B 72 -3.86 -12.58 23.27
CA MET B 72 -3.29 -13.80 23.84
C MET B 72 -1.77 -13.78 23.81
N GLU B 73 -1.20 -13.18 22.78
CA GLU B 73 0.25 -13.15 22.66
C GLU B 73 0.88 -12.05 23.47
N LEU B 74 0.11 -11.02 23.84
CA LEU B 74 0.68 -9.80 24.40
C LEU B 74 1.50 -10.05 25.66
N ASP B 75 2.83 -9.98 25.51
CA ASP B 75 3.77 -9.82 26.60
C ASP B 75 3.42 -8.56 27.38
N ARG B 76 2.64 -8.67 28.45
CA ARG B 76 2.33 -7.47 29.21
C ARG B 76 3.14 -7.35 30.50
N SER B 77 4.38 -7.85 30.50
CA SER B 77 5.44 -7.25 31.29
C SER B 77 5.90 -5.91 30.68
N ILE B 78 5.08 -5.31 29.82
CA ILE B 78 5.40 -4.10 29.08
C ILE B 78 4.41 -3.00 29.46
N THR B 79 4.92 -1.79 29.72
CA THR B 79 4.13 -0.61 30.04
C THR B 79 4.52 0.63 29.23
N ASP B 80 5.67 0.59 28.55
CA ASP B 80 6.01 1.62 27.58
C ASP B 80 5.15 1.45 26.32
N ALA B 81 4.48 2.53 25.93
CA ALA B 81 3.48 2.44 24.87
C ALA B 81 4.11 1.97 23.55
N LYS B 82 5.25 2.55 23.17
CA LYS B 82 5.84 2.17 21.89
C LYS B 82 6.28 0.72 21.90
N MET B 83 6.83 0.26 23.03
CA MET B 83 7.20 -1.14 23.14
C MET B 83 5.97 -2.04 23.02
N MET B 84 4.85 -1.66 23.67
CA MET B 84 3.65 -2.47 23.56
C MET B 84 3.18 -2.50 22.11
N MET B 85 3.22 -1.35 21.46
CA MET B 85 2.77 -1.28 20.08
C MET B 85 3.67 -2.08 19.15
N ARG B 86 4.97 -2.13 19.42
CA ARG B 86 5.83 -2.96 18.59
C ARG B 86 5.43 -4.42 18.70
N PHE B 87 5.11 -4.86 19.92
CA PHE B 87 4.70 -6.24 20.12
C PHE B 87 3.39 -6.52 19.40
N ILE B 88 2.46 -5.55 19.49
CA ILE B 88 1.17 -5.71 18.82
C ILE B 88 1.37 -5.75 17.32
N TRP B 89 2.23 -4.88 16.80
CA TRP B 89 2.55 -4.90 15.37
C TRP B 89 3.07 -6.26 14.95
N ASN B 90 4.06 -6.77 15.69
CA ASN B 90 4.67 -8.07 15.36
C ASN B 90 3.62 -9.16 15.32
N SER B 91 2.75 -9.19 16.34
CA SER B 91 1.69 -10.19 16.38
C SER B 91 0.71 -10.03 15.24
N GLY B 92 0.41 -8.79 14.86
CA GLY B 92 -0.50 -8.57 13.75
C GLY B 92 0.11 -8.95 12.42
N ILE B 93 1.41 -8.72 12.26
CA ILE B 93 2.11 -9.18 11.05
C ILE B 93 2.01 -10.70 10.94
N SER B 94 2.29 -11.42 12.04
CA SER B 94 2.18 -12.87 12.02
C SER B 94 0.77 -13.30 11.68
N TRP B 95 -0.23 -12.68 12.31
CA TRP B 95 -1.61 -13.04 12.03
C TRP B 95 -1.95 -12.80 10.56
N GLY B 96 -1.56 -11.65 10.00
CA GLY B 96 -1.88 -11.34 8.62
C GLY B 96 -1.20 -12.26 7.63
N LEU B 97 0.04 -12.67 7.94
CA LEU B 97 0.72 -13.60 7.05
C LEU B 97 0.10 -14.99 7.16
N ASN B 98 -0.41 -15.35 8.34
CA ASN B 98 -1.11 -16.63 8.47
C ASN B 98 -2.48 -16.59 7.84
N HIS B 99 -3.08 -15.41 7.73
CA HIS B 99 -4.45 -15.26 7.25
C HIS B 99 -4.51 -14.10 6.25
N PRO B 100 -3.88 -14.25 5.09
CA PRO B 100 -3.82 -13.11 4.16
C PRO B 100 -5.17 -12.64 3.68
N ALA B 101 -6.15 -13.53 3.51
CA ALA B 101 -7.45 -13.06 3.05
C ALA B 101 -8.18 -12.29 4.14
N ARG B 102 -8.08 -12.75 5.39
CA ARG B 102 -8.68 -12.01 6.50
C ARG B 102 -8.05 -10.64 6.62
N HIS B 103 -6.73 -10.55 6.46
CA HIS B 103 -6.10 -9.25 6.56
C HIS B 103 -6.49 -8.35 5.39
N ARG B 104 -6.49 -8.88 4.16
CA ARG B 104 -6.87 -8.08 3.02
C ARG B 104 -8.33 -7.63 3.11
N ALA B 105 -9.21 -8.48 3.65
CA ALA B 105 -10.60 -8.07 3.85
C ALA B 105 -10.70 -6.93 4.85
N ILE B 106 -9.97 -7.02 5.96
CA ILE B 106 -9.94 -5.89 6.89
C ILE B 106 -9.53 -4.61 6.17
N ARG B 107 -8.47 -4.67 5.35
CA ARG B 107 -8.04 -3.46 4.65
C ARG B 107 -9.11 -2.95 3.70
N GLN B 108 -9.73 -3.84 2.92
CA GLN B 108 -10.79 -3.40 2.00
C GLN B 108 -11.96 -2.77 2.75
N LEU B 109 -12.33 -3.37 3.90
CA LEU B 109 -13.45 -2.83 4.68
C LEU B 109 -13.06 -1.52 5.36
N ALA B 110 -11.84 -1.43 5.90
CA ALA B 110 -11.45 -0.23 6.64
C ALA B 110 -11.42 1.02 5.75
N VAL B 111 -11.00 0.90 4.50
CA VAL B 111 -10.90 2.06 3.62
C VAL B 111 -12.20 2.35 2.90
N SER B 112 -13.25 1.59 3.17
CA SER B 112 -14.51 1.64 2.43
C SER B 112 -15.38 2.85 2.76
N GLU B 113 -15.22 3.47 3.93
CA GLU B 113 -16.10 4.51 4.44
C GLU B 113 -17.52 3.99 4.71
N LYS B 114 -17.72 2.68 4.66
CA LYS B 114 -19.01 2.08 5.02
C LYS B 114 -19.10 1.69 6.49
N LEU B 115 -18.01 1.78 7.24
CA LEU B 115 -18.04 1.40 8.66
C LEU B 115 -18.69 2.51 9.49
N THR B 116 -19.60 2.10 10.37
CA THR B 116 -20.39 3.01 11.18
C THR B 116 -19.62 3.49 12.41
N LYS B 117 -20.22 4.47 13.08
CA LYS B 117 -19.69 4.94 14.36
C LYS B 117 -19.74 3.83 15.41
N GLU B 118 -20.85 3.09 15.48
CA GLU B 118 -20.96 2.00 16.43
C GLU B 118 -19.88 0.95 16.18
N THR B 119 -19.62 0.63 14.91
CA THR B 119 -18.59 -0.37 14.60
C THR B 119 -17.21 0.13 15.05
N HIS B 120 -16.86 1.38 14.76
N HIS B 120 -16.87 1.37 14.72
CA HIS B 120 -15.55 1.86 15.17
CA HIS B 120 -15.58 1.92 15.15
C HIS B 120 -15.43 1.93 16.69
C HIS B 120 -15.45 1.91 16.67
N GLN B 121 -16.52 2.27 17.37
CA GLN B 121 -16.50 2.27 18.84
C GLN B 121 -16.27 0.86 19.38
N ARG B 122 -17.03 -0.12 18.88
CA ARG B 122 -16.87 -1.49 19.35
C ARG B 122 -15.47 -2.00 19.04
N ASP B 123 -14.97 -1.68 17.84
CA ASP B 123 -13.62 -2.08 17.46
C ASP B 123 -12.60 -1.59 18.46
N LEU B 124 -12.61 -0.28 18.73
CA LEU B 124 -11.71 0.32 19.72
C LEU B 124 -11.86 -0.38 21.06
N ASP B 125 -13.09 -0.58 21.50
CA ASP B 125 -13.27 -1.08 22.86
C ASP B 125 -12.93 -2.55 23.02
N MET B 126 -12.80 -3.29 21.91
CA MET B 126 -12.43 -4.69 22.01
C MET B 126 -11.03 -4.89 22.56
N PHE B 127 -10.18 -3.87 22.47
CA PHE B 127 -8.79 -3.98 22.89
C PHE B 127 -8.45 -2.67 23.57
N PRO B 128 -8.80 -2.55 24.86
CA PRO B 128 -8.72 -1.23 25.51
C PRO B 128 -7.33 -0.61 25.55
N GLU B 129 -6.29 -1.42 25.74
CA GLU B 129 -4.94 -0.88 25.81
C GLU B 129 -4.54 -0.27 24.48
N LEU B 130 -4.86 -0.95 23.38
CA LEU B 130 -4.59 -0.39 22.06
C LEU B 130 -5.37 0.90 21.84
N ARG B 131 -6.66 0.90 22.17
CA ARG B 131 -7.48 2.10 22.07
C ARG B 131 -6.83 3.26 22.81
N ASP B 132 -6.43 3.03 24.05
CA ASP B 132 -5.89 4.12 24.86
C ASP B 132 -4.65 4.71 24.21
N ILE B 133 -3.78 3.83 23.67
CA ILE B 133 -2.55 4.29 23.04
C ILE B 133 -2.88 5.07 21.78
N LEU B 134 -3.84 4.59 20.97
CA LEU B 134 -4.16 5.31 19.74
C LEU B 134 -4.71 6.70 20.06
N HIS B 135 -5.59 6.81 21.06
CA HIS B 135 -6.13 8.13 21.38
C HIS B 135 -5.03 9.06 21.91
N ARG B 136 -4.05 8.53 22.63
CA ARG B 136 -2.97 9.35 23.18
C ARG B 136 -1.93 9.73 22.14
N ARG B 137 -1.69 8.87 21.15
CA ARG B 137 -0.52 9.03 20.30
C ARG B 137 -0.82 9.26 18.83
N VAL B 138 -1.94 8.78 18.29
CA VAL B 138 -2.15 8.98 16.85
C VAL B 138 -2.45 10.45 16.58
N LEU B 139 -1.91 10.97 15.47
CA LEU B 139 -2.23 12.32 15.03
C LEU B 139 -3.75 12.51 15.02
N MET B 140 -4.22 13.63 15.61
CA MET B 140 -5.66 13.78 15.84
C MET B 140 -6.47 13.61 14.56
N VAL B 141 -5.97 14.15 13.45
CA VAL B 141 -6.74 14.06 12.20
C VAL B 141 -7.02 12.60 11.81
N PHE B 142 -6.12 11.67 12.13
CA PHE B 142 -6.30 10.28 11.70
C PHE B 142 -7.23 9.47 12.61
N MET B 143 -7.63 10.02 13.76
CA MET B 143 -8.67 9.42 14.57
C MET B 143 -10.02 10.07 14.32
N SER B 144 -10.07 11.13 13.53
CA SER B 144 -11.29 11.87 13.29
C SER B 144 -12.22 11.08 12.38
N ASP B 145 -13.52 11.35 12.52
CA ASP B 145 -14.49 10.74 11.63
C ASP B 145 -14.17 11.07 10.17
N GLU B 146 -13.68 12.27 9.90
CA GLU B 146 -13.46 12.70 8.51
C GLU B 146 -12.34 11.92 7.83
N TYR B 147 -11.26 11.63 8.56
CA TYR B 147 -10.05 11.12 7.94
C TYR B 147 -9.56 9.80 8.54
N ARG B 148 -10.34 9.19 9.43
CA ARG B 148 -9.94 7.90 9.99
C ARG B 148 -9.71 6.85 8.92
N ALA B 149 -10.57 6.81 7.90
CA ALA B 149 -10.39 5.79 6.88
C ALA B 149 -9.06 5.99 6.16
N PHE B 150 -8.65 7.25 5.98
CA PHE B 150 -7.36 7.51 5.33
C PHE B 150 -6.21 7.12 6.25
N GLY B 151 -6.29 7.45 7.54
CA GLY B 151 -5.28 6.99 8.48
C GLY B 151 -5.18 5.47 8.49
N ASP B 152 -6.32 4.79 8.48
CA ASP B 152 -6.30 3.32 8.40
C ASP B 152 -5.67 2.87 7.10
N GLY B 153 -6.01 3.54 5.99
CA GLY B 153 -5.43 3.18 4.71
C GLY B 153 -3.91 3.31 4.70
N LEU B 154 -3.38 4.41 5.26
CA LEU B 154 -1.93 4.58 5.35
C LEU B 154 -1.30 3.51 6.23
N PHE B 155 -1.87 3.28 7.42
CA PHE B 155 -1.38 2.24 8.30
C PHE B 155 -1.32 0.90 7.57
N LEU B 156 -2.44 0.52 6.93
CA LEU B 156 -2.55 -0.81 6.35
C LEU B 156 -1.69 -0.95 5.10
N ALA B 157 -1.45 0.17 4.39
CA ALA B 157 -0.50 0.14 3.27
C ALA B 157 0.90 -0.19 3.77
N LEU B 158 1.32 0.42 4.87
CA LEU B 158 2.65 0.13 5.42
C LEU B 158 2.69 -1.28 6.00
N ALA B 159 1.63 -1.71 6.69
CA ALA B 159 1.56 -3.09 7.17
C ALA B 159 1.67 -4.09 6.02
N GLU B 160 0.91 -3.90 4.94
CA GLU B 160 0.94 -4.85 3.84
C GLU B 160 2.31 -4.90 3.16
N THR B 161 2.93 -3.73 2.96
CA THR B 161 4.26 -3.70 2.39
C THR B 161 5.24 -4.46 3.27
N THR B 162 5.17 -4.23 4.59
CA THR B 162 6.04 -4.91 5.53
C THR B 162 5.84 -6.44 5.44
N MET B 163 4.58 -6.87 5.42
CA MET B 163 4.27 -8.29 5.28
C MET B 163 4.83 -8.86 3.98
N ASP B 164 4.68 -8.12 2.88
CA ASP B 164 5.13 -8.62 1.59
C ASP B 164 6.64 -8.84 1.59
N PHE B 165 7.39 -7.87 2.12
CA PHE B 165 8.83 -7.99 2.12
C PHE B 165 9.28 -9.06 3.10
N ALA B 166 8.63 -9.16 4.26
CA ALA B 166 8.99 -10.18 5.23
C ALA B 166 8.74 -11.57 4.68
N ALA B 167 7.62 -11.75 3.98
CA ALA B 167 7.26 -13.05 3.44
C ALA B 167 8.26 -13.49 2.39
N ARG B 168 8.69 -12.55 1.55
CA ARG B 168 9.58 -12.86 0.45
C ARG B 168 11.03 -13.08 0.88
N ASP B 169 11.48 -12.41 1.93
CA ASP B 169 12.89 -12.48 2.37
C ASP B 169 12.92 -12.79 3.86
N PRO B 170 12.61 -14.04 4.23
CA PRO B 170 12.50 -14.38 5.66
C PRO B 170 13.77 -14.14 6.47
N ALA B 171 14.95 -14.22 5.83
CA ALA B 171 16.18 -13.92 6.53
C ALA B 171 16.19 -12.49 7.07
N ARG B 172 15.57 -11.57 6.35
CA ARG B 172 15.49 -10.16 6.74
C ARG B 172 14.15 -9.81 7.36
N ALA B 173 13.29 -10.81 7.58
CA ALA B 173 11.92 -10.52 8.02
C ALA B 173 11.92 -9.67 9.28
N GLY B 174 12.76 -10.02 10.27
CA GLY B 174 12.73 -9.28 11.53
C GLY B 174 13.11 -7.82 11.34
N GLU B 175 14.07 -7.56 10.44
CA GLU B 175 14.49 -6.19 10.15
C GLU B 175 13.40 -5.43 9.40
N TYR B 176 12.76 -6.05 8.41
CA TYR B 176 11.67 -5.39 7.71
C TYR B 176 10.54 -5.06 8.66
N ILE B 177 10.21 -6.00 9.55
CA ILE B 177 9.12 -5.77 10.48
C ILE B 177 9.44 -4.61 11.41
N ALA B 178 10.70 -4.55 11.89
CA ALA B 178 11.10 -3.45 12.78
C ALA B 178 11.10 -2.12 12.02
N LEU B 179 11.69 -2.10 10.83
CA LEU B 179 11.78 -0.84 10.07
C LEU B 179 10.40 -0.38 9.67
N GLY B 180 9.52 -1.31 9.30
CA GLY B 180 8.16 -0.92 8.93
C GLY B 180 7.39 -0.37 10.12
N PHE B 181 7.51 -1.01 11.29
CA PHE B 181 6.89 -0.44 12.49
C PHE B 181 7.38 0.98 12.74
N GLU B 182 8.69 1.18 12.68
CA GLU B 182 9.25 2.48 13.02
C GLU B 182 8.83 3.55 12.03
N ALA B 183 8.74 3.20 10.75
CA ALA B 183 8.27 4.15 9.74
C ALA B 183 6.81 4.48 9.96
N MET B 184 5.99 3.47 10.23
CA MET B 184 4.59 3.70 10.53
C MET B 184 4.45 4.61 11.77
N TRP B 185 5.23 4.33 12.81
CA TRP B 185 5.14 5.10 14.04
C TRP B 185 5.45 6.56 13.79
N ARG B 186 6.50 6.84 13.01
CA ARG B 186 6.82 8.22 12.69
C ARG B 186 5.71 8.86 11.85
N ALA B 187 5.15 8.09 10.91
CA ALA B 187 4.13 8.67 10.03
C ALA B 187 2.84 9.02 10.77
N LEU B 188 2.40 8.18 11.71
CA LEU B 188 1.04 8.28 12.21
C LEU B 188 0.92 8.80 13.63
N THR B 189 2.01 8.86 14.39
CA THR B 189 1.91 9.24 15.79
C THR B 189 2.68 10.53 16.03
N ARG B 190 2.31 11.19 17.12
CA ARG B 190 3.04 12.35 17.60
C ARG B 190 3.31 12.17 19.08
N GLU B 191 4.28 12.93 19.57
CA GLU B 191 4.58 12.95 21.00
C GLU B 191 3.44 13.64 21.74
S SO4 C . -1.70 4.55 -18.49
O1 SO4 C . -1.53 5.88 -19.06
O2 SO4 C . -1.33 3.52 -19.47
O3 SO4 C . -3.06 4.29 -18.03
O4 SO4 C . -0.86 4.44 -17.31
C25 EV1 D . 6.85 6.97 -8.49
O24 EV1 D . 5.86 7.74 -7.80
C16 EV1 D . 6.23 9.01 -7.38
C15 EV1 D . 5.25 9.80 -6.87
O22 EV1 D . 3.96 9.24 -6.81
C23 EV1 D . 2.91 9.95 -6.14
C14 EV1 D . 5.55 11.11 -6.44
C13 EV1 D . 6.90 11.57 -6.54
C17 EV1 D . 7.55 9.44 -7.47
C12 EV1 D . 7.91 10.77 -7.08
C11 EV1 D . 9.37 11.22 -7.12
C10 EV1 D . 10.18 10.42 -6.17
N9 EV1 D . 10.79 9.33 -6.66
C8 EV1 D . 11.52 8.51 -5.86
C7 EV1 D . 11.65 8.67 -4.47
C2 EV1 D . 10.97 9.83 -3.92
C3 EV1 D . 10.24 10.64 -4.76
C4 EV1 D . 9.56 11.81 -4.21
C5 EV1 D . 9.65 12.04 -2.84
O20 EV1 D . 9.03 13.12 -2.22
C21 EV1 D . 8.36 14.05 -3.05
C6 EV1 D . 10.40 11.19 -2.01
C1 EV1 D . 11.05 10.08 -2.52
O18 EV1 D . 10.41 11.54 -0.69
C19 EV1 D . 11.16 10.66 0.19
C1 GOL E . -21.11 0.72 20.63
O1 GOL E . -21.41 2.07 20.85
C2 GOL E . -22.13 -0.12 21.43
O2 GOL E . -21.96 -1.46 21.18
C3 GOL E . -23.57 0.43 21.01
O3 GOL E . -23.86 -0.10 19.76
S SO4 F . -7.19 -16.87 5.17
O1 SO4 F . -8.54 -17.15 4.65
O2 SO4 F . -6.18 -17.17 4.15
O3 SO4 F . -7.10 -15.45 5.46
O4 SO4 F . -6.94 -17.70 6.34
C25 EV1 G . -5.16 -4.94 10.62
O24 EV1 G . -3.72 -5.03 10.61
C16 EV1 G . -3.03 -4.84 11.79
C15 EV1 G . -1.71 -5.14 11.78
O22 EV1 G . -1.20 -5.62 10.57
C23 EV1 G . 0.21 -5.91 10.56
C14 EV1 G . -0.91 -4.98 12.92
C13 EV1 G . -1.52 -4.48 14.08
C17 EV1 G . -3.66 -4.34 12.93
C12 EV1 G . -2.91 -4.18 14.12
C11 EV1 G . -3.56 -3.59 15.36
C10 EV1 G . -3.95 -2.17 15.09
N9 EV1 G . -5.23 -1.98 14.72
C8 EV1 G . -5.68 -0.73 14.37
C7 EV1 G . -4.88 0.42 14.39
C2 EV1 G . -3.49 0.23 14.77
C3 EV1 G . -3.04 -1.03 15.10
C4 EV1 G . -1.66 -1.23 15.49
C5 EV1 G . -0.84 -0.13 15.50
O20 EV1 G . 0.50 -0.24 15.87
C21 EV1 G . 0.91 -1.51 16.40
C6 EV1 G . -1.29 1.14 15.17
C1 EV1 G . -2.61 1.37 14.78
O18 EV1 G . -0.38 2.14 15.24
C19 EV1 G . -0.80 3.46 14.81
#